data_7QP3
#
_entry.id   7QP3
#
_cell.length_a   39.080
_cell.length_b   67.490
_cell.length_c   130.610
_cell.angle_alpha   90.000
_cell.angle_beta   90.000
_cell.angle_gamma   90.000
#
_symmetry.space_group_name_H-M   'P 21 21 21'
#
loop_
_entity.id
_entity.type
_entity.pdbx_description
1 polymer 'Extracellular metalloproteinase'
2 non-polymer '4-(2-HYDROXYETHYL)-1-PIPERAZINE ETHANESULFONIC ACID'
3 non-polymer 2-acetamido-2-deoxy-alpha-D-galactopyranose
4 non-polymer 'ZINC ION'
5 non-polymer 'CALCIUM ION'
6 water water
#
_entity_poly.entity_id   1
_entity_poly.type   'polypeptide(L)'
_entity_poly.pdbx_seq_one_letter_code
;ATYQVFPWGTNDPSKGSRTIETDPADKTASEFTWQGNGKTTYTMTEGNNGIAQANYDGDNSWTNDYRPDAPGAKFEYGYS
LAETNPKKYIDASVTQLFYTANMYHDMLHALGFNEAAGNFETNNNGAGGKGNDAVILNAQDGSGTNNANFATPPDGQPGV
MRMYIWDESTPYRDCSFDAGVIIHEYTHGVSNRLTGGPANTGCLNVLEAGGMGEGWGDFMAIAIHLKKADTRAKNYPMGD
WIANDPKGIRNYLYSTSLTTNPYTYKSVNTMSAVHTIGTVWATILYEVLWNLVEKHGNSEARQPTFNGKVPTDGKFLTMK
LVLDGMALQPCSPTFVQARDAIIDADKALTGGSNACELWKAFAKRGLGEGASRGSGSTGRKESTTVPSGVC
;
_entity_poly.pdbx_strand_id   A
#
# COMPACT_ATOMS: atom_id res chain seq x y z
N ALA A 1 9.40 4.00 21.48
CA ALA A 1 8.99 2.88 22.33
C ALA A 1 7.51 2.94 22.68
N THR A 2 6.86 4.11 22.68
CA THR A 2 5.39 4.11 22.65
C THR A 2 4.89 5.09 21.60
N TYR A 3 3.76 4.70 21.01
CA TYR A 3 3.12 5.46 19.95
C TYR A 3 1.63 5.49 20.23
N GLN A 4 1.07 6.66 20.47
CA GLN A 4 -0.36 6.76 20.71
C GLN A 4 -1.02 7.01 19.36
N VAL A 5 -1.65 5.96 18.82
CA VAL A 5 -2.12 5.98 17.44
C VAL A 5 -3.42 5.20 17.31
N PHE A 6 -4.06 5.39 16.20
CA PHE A 6 -5.01 4.41 15.72
C PHE A 6 -4.22 3.18 15.34
N PRO A 7 -4.46 2.03 15.95
CA PRO A 7 -3.59 0.88 15.71
C PRO A 7 -3.78 0.30 14.32
N TRP A 8 -2.75 -0.40 13.88
CA TRP A 8 -2.78 -1.16 12.63
C TRP A 8 -4.05 -1.99 12.55
N GLY A 9 -4.73 -1.91 11.41
CA GLY A 9 -6.00 -2.58 11.26
C GLY A 9 -7.19 -1.70 11.54
N THR A 10 -6.97 -0.52 12.14
CA THR A 10 -8.00 0.51 12.31
C THR A 10 -7.70 1.60 11.29
N ASN A 11 -8.45 1.61 10.20
CA ASN A 11 -8.03 2.43 9.06
C ASN A 11 -8.05 3.91 9.39
N ASP A 12 -9.01 4.37 10.17
CA ASP A 12 -9.20 5.80 10.30
C ASP A 12 -10.09 6.06 11.52
N PRO A 13 -10.28 7.32 11.93
CA PRO A 13 -10.96 7.59 13.21
C PRO A 13 -12.41 7.17 13.24
N SER A 14 -13.04 6.92 12.10
CA SER A 14 -14.40 6.41 12.11
C SER A 14 -14.47 4.92 12.43
N LYS A 15 -13.35 4.20 12.36
CA LYS A 15 -13.34 2.75 12.53
C LYS A 15 -12.91 2.31 13.91
N GLY A 16 -12.42 3.21 14.74
CA GLY A 16 -11.97 2.81 16.04
C GLY A 16 -11.31 3.99 16.74
N SER A 17 -10.66 3.68 17.84
CA SER A 17 -10.08 4.70 18.71
C SER A 17 -8.58 4.49 18.82
N ARG A 18 -7.93 5.49 19.37
CA ARG A 18 -6.48 5.46 19.51
C ARG A 18 -6.09 4.69 20.77
N THR A 19 -4.87 4.17 20.74
CA THR A 19 -4.36 3.33 21.82
C THR A 19 -2.86 3.56 21.89
N ILE A 20 -2.30 3.38 23.09
CA ILE A 20 -0.86 3.50 23.26
C ILE A 20 -0.26 2.15 22.93
N GLU A 21 0.54 2.12 21.86
CA GLU A 21 1.24 0.92 21.40
C GLU A 21 2.67 0.94 21.92
N THR A 22 3.04 -0.10 22.66
CA THR A 22 4.38 -0.14 23.22
C THR A 22 5.20 -1.11 22.39
N ASP A 23 6.38 -0.62 21.95
CA ASP A 23 7.36 -1.35 21.17
C ASP A 23 6.74 -2.27 20.11
N PRO A 24 6.02 -1.72 19.14
CA PRO A 24 5.38 -2.56 18.13
C PRO A 24 6.30 -2.97 16.98
N ALA A 25 7.51 -2.44 16.92
CA ALA A 25 8.41 -2.79 15.82
C ALA A 25 8.60 -4.30 15.75
N ASP A 26 8.69 -4.82 14.54
CA ASP A 26 9.03 -6.23 14.36
C ASP A 26 10.54 -6.41 14.49
N LYS A 27 10.97 -7.36 15.32
CA LYS A 27 12.38 -7.45 15.67
C LYS A 27 13.24 -7.96 14.54
N THR A 28 12.67 -8.62 13.53
CA THR A 28 13.47 -9.08 12.41
C THR A 28 13.50 -8.06 11.30
N ALA A 29 12.35 -7.45 11.01
CA ALA A 29 12.27 -6.46 9.95
C ALA A 29 12.87 -5.13 10.38
N SER A 30 12.80 -4.81 11.67
CA SER A 30 13.34 -3.56 12.21
C SER A 30 14.30 -3.92 13.37
N GLU A 31 15.47 -4.45 13.01
CA GLU A 31 16.37 -4.95 14.03
C GLU A 31 16.97 -3.84 14.90
N PHE A 32 16.93 -2.58 14.47
CA PHE A 32 17.32 -1.44 15.31
C PHE A 32 16.14 -0.75 15.99
N THR A 33 14.95 -1.37 15.93
CA THR A 33 13.67 -0.74 16.24
C THR A 33 13.38 0.36 15.22
N TRP A 34 12.25 1.00 15.35
CA TRP A 34 11.95 2.12 14.48
C TRP A 34 12.72 3.36 14.86
N GLN A 35 13.29 3.40 16.05
CA GLN A 35 13.96 4.58 16.58
C GLN A 35 15.46 4.56 16.34
N GLY A 36 15.96 3.52 15.69
CA GLY A 36 17.38 3.35 15.49
C GLY A 36 17.70 3.01 14.05
N ASN A 37 18.93 3.33 13.64
CA ASN A 37 19.44 2.98 12.32
C ASN A 37 20.84 2.38 12.39
N GLY A 38 21.28 1.97 13.58
CA GLY A 38 22.56 1.33 13.74
C GLY A 38 23.73 2.27 13.92
N LYS A 39 23.57 3.55 13.57
CA LYS A 39 24.49 4.61 13.98
C LYS A 39 24.06 5.20 15.32
N THR A 40 22.79 5.56 15.43
CA THR A 40 22.26 6.22 16.62
C THR A 40 20.82 5.80 16.83
N THR A 41 20.32 6.10 18.02
CA THR A 41 18.92 5.94 18.37
C THR A 41 18.35 7.31 18.61
N TYR A 42 17.11 7.55 18.17
CA TYR A 42 16.52 8.87 18.26
C TYR A 42 15.38 8.88 19.27
N THR A 43 15.16 10.04 19.90
CA THR A 43 13.94 10.34 20.64
C THR A 43 12.97 11.18 19.80
N MET A 44 13.30 11.43 18.55
CA MET A 44 12.43 12.03 17.56
C MET A 44 11.81 10.95 16.68
N THR A 45 10.83 11.34 15.86
CA THR A 45 10.14 10.43 14.93
C THR A 45 11.02 10.16 13.70
N GLU A 46 12.09 9.41 13.94
CA GLU A 46 13.14 9.17 12.95
C GLU A 46 13.85 7.88 13.30
N GLY A 47 14.26 7.14 12.27
CA GLY A 47 14.90 5.85 12.46
C GLY A 47 15.16 5.18 11.13
N ASN A 48 15.38 3.86 11.15
CA ASN A 48 15.91 3.19 9.96
C ASN A 48 14.97 3.24 8.76
N ASN A 49 13.66 3.27 8.98
CA ASN A 49 12.72 3.10 7.89
C ASN A 49 12.10 4.41 7.43
N GLY A 50 12.08 5.43 8.28
CA GLY A 50 11.36 6.66 7.99
C GLY A 50 11.94 7.82 8.77
N ILE A 51 11.88 8.99 8.15
CA ILE A 51 12.25 10.26 8.77
C ILE A 51 11.01 11.15 8.64
N ALA A 52 10.33 11.38 9.75
CA ALA A 52 9.01 12.01 9.73
C ALA A 52 9.06 13.38 10.40
N GLN A 53 8.39 14.35 9.77
CA GLN A 53 8.39 15.72 10.26
C GLN A 53 7.20 16.46 9.67
N ALA A 54 6.91 17.61 10.28
CA ALA A 54 5.89 18.53 9.79
C ALA A 54 6.53 19.38 8.71
N ASN A 55 6.34 19.00 7.46
CA ASN A 55 6.92 19.73 6.35
C ASN A 55 5.96 20.85 5.89
N TYR A 56 5.67 21.76 6.82
CA TYR A 56 4.81 22.91 6.52
C TYR A 56 5.33 23.74 5.35
N ASP A 57 6.64 23.81 5.16
CA ASP A 57 7.22 24.61 4.08
C ASP A 57 6.99 23.99 2.72
N GLY A 58 6.56 22.73 2.67
CA GLY A 58 6.33 22.04 1.42
C GLY A 58 7.56 21.81 0.58
N ASP A 59 8.76 22.00 1.14
CA ASP A 59 9.96 21.96 0.33
C ASP A 59 10.59 20.56 0.33
N ASN A 60 11.79 20.46 -0.23
CA ASN A 60 12.49 19.20 -0.42
C ASN A 60 13.44 18.89 0.71
N SER A 61 13.50 19.71 1.75
CA SER A 61 14.38 19.49 2.88
C SER A 61 13.58 18.97 4.06
N TRP A 62 14.14 18.00 4.78
CA TRP A 62 13.54 17.54 6.01
C TRP A 62 14.37 17.89 7.24
N THR A 63 15.38 18.74 7.09
CA THR A 63 16.22 19.20 8.21
C THR A 63 15.88 20.61 8.68
N ASN A 64 14.86 21.24 8.09
CA ASN A 64 14.45 22.58 8.48
C ASN A 64 13.02 22.55 9.00
N ASP A 65 12.60 21.42 9.56
CA ASP A 65 11.23 21.21 9.96
C ASP A 65 11.15 20.79 11.41
N TYR A 66 10.03 21.14 12.03
CA TYR A 66 9.72 20.64 13.36
C TYR A 66 9.45 19.14 13.29
N ARG A 67 9.94 18.43 14.30
CA ARG A 67 9.71 17.00 14.46
C ARG A 67 9.41 16.76 15.94
N PRO A 68 8.46 15.89 16.29
CA PRO A 68 8.28 15.60 17.73
C PRO A 68 9.54 14.99 18.32
N ASP A 69 9.85 15.39 19.55
CA ASP A 69 10.97 14.85 20.32
C ASP A 69 10.44 14.53 21.72
N ALA A 70 10.32 13.25 22.04
CA ALA A 70 9.71 12.83 23.28
C ALA A 70 10.72 12.06 24.14
N PRO A 71 10.93 12.44 25.40
CA PRO A 71 11.78 11.62 26.28
C PRO A 71 11.27 10.19 26.28
N GLY A 72 12.21 9.24 26.21
CA GLY A 72 11.86 7.85 26.17
C GLY A 72 11.18 7.41 24.90
N ALA A 73 11.19 8.26 23.87
CA ALA A 73 10.47 7.96 22.64
C ALA A 73 9.02 7.56 22.95
N LYS A 74 8.40 8.27 23.90
CA LYS A 74 6.98 8.06 24.26
C LYS A 74 6.15 9.09 23.52
N PHE A 75 5.71 8.74 22.32
CA PHE A 75 5.03 9.69 21.44
C PHE A 75 3.54 9.64 21.73
N GLU A 76 3.16 10.29 22.81
CA GLU A 76 1.81 10.22 23.37
C GLU A 76 1.27 11.64 23.37
N TYR A 77 0.40 11.92 22.41
CA TYR A 77 -0.04 13.27 22.06
C TYR A 77 -1.54 13.32 21.87
N GLY A 78 -2.12 14.48 22.17
CA GLY A 78 -3.55 14.64 22.04
C GLY A 78 -3.99 14.78 20.59
N TYR A 79 -5.25 14.39 20.35
CA TYR A 79 -5.86 14.45 19.02
C TYR A 79 -7.37 14.55 19.21
N SER A 80 -8.00 15.51 18.55
CA SER A 80 -9.44 15.71 18.63
C SER A 80 -10.00 15.86 17.23
N LEU A 81 -11.08 15.14 16.95
CA LEU A 81 -11.83 15.30 15.72
C LEU A 81 -12.61 16.61 15.68
N ALA A 82 -12.65 17.37 16.76
CA ALA A 82 -13.35 18.66 16.77
C ALA A 82 -12.41 19.84 16.54
N GLU A 83 -11.09 19.61 16.61
CA GLU A 83 -10.12 20.69 16.42
C GLU A 83 -10.11 21.13 14.97
N THR A 84 -10.29 22.43 14.75
CA THR A 84 -10.30 23.01 13.43
C THR A 84 -8.93 23.46 12.94
N ASN A 85 -7.94 23.60 13.83
CA ASN A 85 -6.58 23.93 13.44
C ASN A 85 -5.70 22.68 13.42
N PRO A 86 -5.40 22.11 12.26
CA PRO A 86 -4.60 20.88 12.23
C PRO A 86 -3.26 21.01 12.88
N LYS A 87 -2.66 22.20 12.92
N LYS A 87 -2.65 22.20 12.93
CA LYS A 87 -1.36 22.36 13.55
CA LYS A 87 -1.34 22.32 13.56
C LYS A 87 -1.42 22.05 15.04
C LYS A 87 -1.41 22.07 15.05
N LYS A 88 -2.60 22.17 15.66
CA LYS A 88 -2.73 21.86 17.07
C LYS A 88 -2.47 20.40 17.39
N TYR A 89 -2.62 19.48 16.43
CA TYR A 89 -2.36 18.06 16.64
C TYR A 89 -1.26 17.54 15.70
N ILE A 90 -0.32 18.40 15.37
CA ILE A 90 0.79 17.98 14.51
C ILE A 90 1.61 16.86 15.15
N ASP A 91 1.78 16.86 16.47
CA ASP A 91 2.55 15.79 17.09
C ASP A 91 1.86 14.44 16.90
N ALA A 92 0.55 14.39 17.08
CA ALA A 92 -0.17 13.16 16.85
C ALA A 92 -0.09 12.77 15.39
N SER A 93 -0.14 13.78 14.50
CA SER A 93 -0.13 13.53 13.07
C SER A 93 1.19 12.91 12.63
N VAL A 94 2.31 13.50 13.03
CA VAL A 94 3.61 12.94 12.67
C VAL A 94 3.76 11.54 13.25
N THR A 95 3.32 11.35 14.50
CA THR A 95 3.41 10.05 15.13
C THR A 95 2.60 9.01 14.39
N GLN A 96 1.38 9.35 13.97
CA GLN A 96 0.56 8.37 13.27
C GLN A 96 1.17 8.00 11.92
N LEU A 97 1.71 8.99 11.21
CA LEU A 97 2.34 8.75 9.90
C LEU A 97 3.53 7.83 10.05
N PHE A 98 4.38 8.13 11.02
CA PHE A 98 5.55 7.33 11.31
C PHE A 98 5.15 5.90 11.68
N TYR A 99 4.17 5.76 12.56
CA TYR A 99 3.71 4.42 12.96
C TYR A 99 3.21 3.60 11.76
N THR A 100 2.26 4.14 11.01
CA THR A 100 1.70 3.39 9.89
C THR A 100 2.77 3.03 8.87
N ALA A 101 3.63 3.99 8.53
CA ALA A 101 4.67 3.72 7.56
C ALA A 101 5.63 2.64 8.05
N ASN A 102 6.04 2.71 9.32
CA ASN A 102 6.95 1.71 9.85
C ASN A 102 6.28 0.34 9.92
N MET A 103 5.04 0.29 10.38
CA MET A 103 4.30 -0.97 10.40
C MET A 103 4.25 -1.58 9.02
N TYR A 104 3.98 -0.75 8.01
CA TYR A 104 3.90 -1.24 6.64
C TYR A 104 5.26 -1.71 6.15
N HIS A 105 6.32 -0.92 6.39
CA HIS A 105 7.67 -1.40 6.15
C HIS A 105 7.89 -2.80 6.73
N ASP A 106 7.50 -3.02 8.00
CA ASP A 106 7.74 -4.32 8.65
C ASP A 106 6.98 -5.45 7.97
N MET A 107 5.72 -5.22 7.59
CA MET A 107 4.92 -6.25 6.93
C MET A 107 5.49 -6.60 5.56
N LEU A 108 5.75 -5.57 4.77
CA LEU A 108 6.33 -5.75 3.44
C LEU A 108 7.62 -6.51 3.52
N HIS A 109 8.41 -6.20 4.54
CA HIS A 109 9.71 -6.84 4.69
C HIS A 109 9.55 -8.36 4.86
N ALA A 110 8.64 -8.78 5.75
CA ALA A 110 8.37 -10.21 5.94
C ALA A 110 7.88 -10.86 4.66
N LEU A 111 7.21 -10.11 3.80
CA LEU A 111 6.68 -10.65 2.55
C LEU A 111 7.68 -10.62 1.41
N GLY A 112 8.91 -10.18 1.67
CA GLY A 112 9.98 -10.21 0.67
C GLY A 112 10.40 -8.87 0.12
N PHE A 113 9.71 -7.78 0.43
CA PHE A 113 10.18 -6.46 -0.01
C PHE A 113 11.19 -5.98 1.01
N ASN A 114 12.39 -6.53 0.88
CA ASN A 114 13.43 -6.36 1.86
C ASN A 114 14.60 -5.58 1.27
N GLU A 115 15.75 -5.65 1.94
CA GLU A 115 16.90 -4.84 1.55
C GLU A 115 17.33 -5.12 0.11
N ALA A 116 17.58 -6.38 -0.22
CA ALA A 116 18.03 -6.72 -1.56
C ALA A 116 16.96 -6.51 -2.62
N ALA A 117 15.67 -6.45 -2.25
CA ALA A 117 14.61 -6.23 -3.22
C ALA A 117 14.45 -4.77 -3.63
N GLY A 118 15.11 -3.87 -2.92
CA GLY A 118 15.06 -2.46 -3.21
C GLY A 118 14.20 -1.65 -2.28
N ASN A 119 14.08 -2.04 -1.00
CA ASN A 119 13.19 -1.36 -0.06
C ASN A 119 13.82 -0.05 0.42
N PHE A 120 13.22 0.58 1.45
CA PHE A 120 13.52 1.95 1.87
C PHE A 120 14.04 1.92 3.30
N GLU A 121 15.37 1.99 3.46
CA GLU A 121 15.99 2.01 4.79
C GLU A 121 17.32 2.74 4.72
N THR A 122 17.71 3.29 5.87
CA THR A 122 18.99 4.00 5.96
C THR A 122 20.16 3.01 5.93
N ASN A 123 20.08 1.97 6.75
CA ASN A 123 21.14 0.99 6.96
C ASN A 123 20.58 -0.39 6.63
N ASN A 124 21.04 -0.97 5.52
CA ASN A 124 20.63 -2.33 5.15
C ASN A 124 21.36 -3.42 5.92
N ASN A 125 22.36 -3.06 6.71
CA ASN A 125 22.92 -3.95 7.73
C ASN A 125 23.46 -5.23 7.09
N GLY A 126 24.10 -5.09 5.94
CA GLY A 126 24.75 -6.23 5.33
C GLY A 126 23.86 -7.09 4.48
N ALA A 127 22.57 -6.78 4.38
CA ALA A 127 21.60 -7.65 3.69
C ALA A 127 21.49 -7.40 2.19
N GLY A 128 22.32 -6.54 1.59
CA GLY A 128 22.28 -6.27 0.17
C GLY A 128 21.54 -4.98 -0.14
N GLY A 129 21.42 -4.69 -1.43
CA GLY A 129 20.77 -3.47 -1.90
C GLY A 129 21.55 -2.21 -1.46
N LYS A 130 20.89 -1.07 -1.61
CA LYS A 130 21.45 0.23 -1.27
C LYS A 130 20.64 0.91 -0.19
N GLY A 131 21.32 1.44 0.81
CA GLY A 131 20.68 2.14 1.90
C GLY A 131 20.54 3.62 1.61
N ASN A 132 20.50 4.40 2.70
CA ASN A 132 20.30 5.84 2.67
C ASN A 132 19.01 6.22 1.98
N ASP A 133 17.98 5.37 2.07
CA ASP A 133 16.75 5.71 1.38
C ASP A 133 15.55 5.40 2.25
N ALA A 134 15.68 5.69 3.54
CA ALA A 134 14.52 5.70 4.42
C ALA A 134 13.52 6.72 3.89
N VAL A 135 12.24 6.40 4.00
CA VAL A 135 11.20 7.24 3.41
C VAL A 135 11.12 8.55 4.17
N ILE A 136 11.08 9.66 3.42
CA ILE A 136 10.85 10.98 3.99
C ILE A 136 9.35 11.13 4.14
N LEU A 137 8.88 11.28 5.38
CA LEU A 137 7.45 11.22 5.70
C LEU A 137 7.00 12.61 6.10
N ASN A 138 6.41 13.33 5.15
CA ASN A 138 6.07 14.74 5.34
C ASN A 138 4.61 14.86 5.76
N ALA A 139 4.40 15.05 7.03
CA ALA A 139 3.05 15.29 7.53
C ALA A 139 2.68 16.77 7.35
N GLN A 140 1.39 17.01 7.13
CA GLN A 140 0.82 18.32 6.91
C GLN A 140 1.68 19.14 5.96
N ASP A 141 2.01 18.50 4.85
CA ASP A 141 2.91 19.10 3.87
C ASP A 141 2.23 20.30 3.23
N GLY A 142 2.97 21.40 3.11
CA GLY A 142 2.39 22.65 2.70
C GLY A 142 2.17 22.78 1.22
N SER A 143 2.68 21.84 0.44
CA SER A 143 2.71 22.03 -1.00
C SER A 143 1.40 21.65 -1.68
N GLY A 144 0.37 21.22 -0.96
CA GLY A 144 -0.88 20.93 -1.62
C GLY A 144 -2.02 20.75 -0.64
N THR A 145 -3.20 20.44 -1.19
CA THR A 145 -4.36 20.10 -0.37
C THR A 145 -5.16 19.00 -1.07
N ASN A 146 -5.97 18.31 -0.27
CA ASN A 146 -6.93 17.34 -0.78
C ASN A 146 -6.24 16.28 -1.63
N ASN A 147 -5.06 15.86 -1.18
CA ASN A 147 -4.37 14.80 -1.90
C ASN A 147 -3.27 14.23 -1.01
N ALA A 148 -2.42 13.42 -1.64
CA ALA A 148 -1.19 12.91 -1.08
C ALA A 148 -0.39 12.37 -2.26
N ASN A 149 0.91 12.17 -2.07
CA ASN A 149 1.70 11.67 -3.19
C ASN A 149 2.96 11.00 -2.68
N PHE A 150 3.62 10.32 -3.59
CA PHE A 150 4.85 9.59 -3.29
C PHE A 150 5.77 9.72 -4.50
N ALA A 151 7.05 10.00 -4.25
CA ALA A 151 8.06 10.09 -5.30
C ALA A 151 9.05 8.98 -5.07
N THR A 152 9.38 8.22 -6.13
CA THR A 152 10.24 7.05 -6.00
C THR A 152 11.45 7.16 -6.91
N PRO A 153 12.60 7.52 -6.38
CA PRO A 153 13.82 7.43 -7.15
C PRO A 153 14.41 6.03 -7.07
N PRO A 154 15.45 5.74 -7.84
CA PRO A 154 16.07 4.41 -7.78
C PRO A 154 16.61 4.10 -6.39
N ASP A 155 16.82 2.81 -6.15
CA ASP A 155 17.34 2.34 -4.87
C ASP A 155 18.59 3.14 -4.50
N GLY A 156 18.70 3.50 -3.23
CA GLY A 156 19.79 4.33 -2.77
C GLY A 156 19.45 5.80 -2.61
N GLN A 157 18.27 6.24 -3.06
CA GLN A 157 17.81 7.59 -2.84
C GLN A 157 16.43 7.56 -2.21
N PRO A 158 16.11 8.50 -1.32
CA PRO A 158 14.92 8.34 -0.48
C PRO A 158 13.63 8.43 -1.26
N GLY A 159 12.67 7.57 -0.92
CA GLY A 159 11.30 7.83 -1.31
C GLY A 159 10.74 8.97 -0.49
N VAL A 160 9.82 9.72 -1.07
CA VAL A 160 9.29 10.92 -0.42
C VAL A 160 7.77 10.86 -0.44
N MET A 161 7.18 10.84 0.75
CA MET A 161 5.74 10.86 0.90
C MET A 161 5.30 12.23 1.39
N ARG A 162 4.22 12.75 0.81
CA ARG A 162 3.66 14.03 1.22
C ARG A 162 2.18 13.82 1.52
N MET A 163 1.78 14.19 2.74
CA MET A 163 0.41 14.04 3.23
C MET A 163 -0.18 15.42 3.39
N TYR A 164 -1.30 15.68 2.74
CA TYR A 164 -1.93 16.99 2.77
C TYR A 164 -3.15 17.01 3.68
N ILE A 165 -3.55 18.22 4.03
CA ILE A 165 -4.81 18.47 4.68
C ILE A 165 -5.93 18.48 3.63
N TRP A 166 -7.06 17.87 3.96
CA TRP A 166 -8.25 17.87 3.11
C TRP A 166 -9.27 18.80 3.74
N ASP A 167 -9.79 19.73 2.94
CA ASP A 167 -10.55 20.85 3.47
C ASP A 167 -11.95 20.99 2.89
N GLU A 168 -12.50 19.96 2.27
CA GLU A 168 -13.87 20.09 1.80
C GLU A 168 -14.88 19.99 2.94
N SER A 169 -14.48 19.40 4.07
CA SER A 169 -15.27 19.29 5.29
C SER A 169 -14.69 20.19 6.36
N THR A 170 -15.53 20.57 7.32
CA THR A 170 -15.09 21.24 8.52
C THR A 170 -15.51 20.44 9.74
N PRO A 171 -14.59 20.13 10.65
CA PRO A 171 -13.17 20.46 10.60
C PRO A 171 -12.41 19.79 9.45
N TYR A 172 -11.30 20.40 9.07
CA TYR A 172 -10.46 19.77 8.06
C TYR A 172 -9.98 18.42 8.57
N ARG A 173 -9.63 17.54 7.63
CA ARG A 173 -9.17 16.19 7.94
C ARG A 173 -7.72 16.00 7.44
N ASP A 174 -6.91 15.41 8.30
CA ASP A 174 -5.48 15.18 8.07
C ASP A 174 -5.28 13.75 7.57
N CYS A 175 -4.68 13.62 6.39
N CYS A 175 -4.74 13.56 6.37
CA CYS A 175 -4.53 12.34 5.73
CA CYS A 175 -4.73 12.20 5.85
C CYS A 175 -3.73 11.35 6.55
C CYS A 175 -3.65 11.32 6.47
N SER A 176 -2.82 11.86 7.39
CA SER A 176 -2.00 11.00 8.25
C SER A 176 -2.82 9.99 9.01
N PHE A 177 -4.07 10.32 9.33
CA PHE A 177 -4.94 9.45 10.09
C PHE A 177 -5.78 8.52 9.22
N ASP A 178 -5.58 8.52 7.90
CA ASP A 178 -6.21 7.55 7.01
C ASP A 178 -5.15 6.55 6.57
N ALA A 179 -5.09 5.42 7.25
CA ALA A 179 -3.98 4.48 7.01
C ALA A 179 -3.94 4.03 5.56
N GLY A 180 -5.10 3.81 4.97
CA GLY A 180 -5.14 3.38 3.58
C GLY A 180 -4.48 4.35 2.62
N VAL A 181 -4.54 5.64 2.92
CA VAL A 181 -3.86 6.62 2.08
C VAL A 181 -2.34 6.46 2.20
N ILE A 182 -1.83 6.36 3.42
CA ILE A 182 -0.40 6.11 3.62
C ILE A 182 0.02 4.85 2.91
N ILE A 183 -0.77 3.79 3.07
CA ILE A 183 -0.47 2.52 2.41
C ILE A 183 -0.47 2.67 0.90
N HIS A 184 -1.52 3.29 0.35
CA HIS A 184 -1.55 3.53 -1.09
C HIS A 184 -0.28 4.24 -1.54
N GLU A 185 0.11 5.31 -0.84
CA GLU A 185 1.26 6.09 -1.31
C GLU A 185 2.54 5.28 -1.22
N TYR A 186 2.77 4.67 -0.07
CA TYR A 186 3.98 3.89 0.13
C TYR A 186 4.08 2.78 -0.91
N THR A 187 2.93 2.21 -1.29
CA THR A 187 2.94 1.17 -2.31
C THR A 187 3.40 1.70 -3.67
N HIS A 188 3.18 2.97 -3.98
CA HIS A 188 3.85 3.52 -5.17
C HIS A 188 5.35 3.27 -5.10
N GLY A 189 5.96 3.49 -3.94
CA GLY A 189 7.37 3.15 -3.78
C GLY A 189 7.64 1.69 -4.08
N VAL A 190 6.79 0.80 -3.55
CA VAL A 190 7.04 -0.63 -3.66
C VAL A 190 6.99 -1.07 -5.12
N SER A 191 5.91 -0.68 -5.81
CA SER A 191 5.71 -1.18 -7.15
C SER A 191 6.69 -0.54 -8.13
N ASN A 192 7.07 0.71 -7.90
CA ASN A 192 8.10 1.30 -8.78
C ASN A 192 9.47 0.68 -8.54
N ARG A 193 9.82 0.38 -7.29
CA ARG A 193 11.09 -0.32 -7.05
C ARG A 193 11.08 -1.72 -7.65
N LEU A 194 10.03 -2.50 -7.36
CA LEU A 194 10.03 -3.89 -7.80
C LEU A 194 9.90 -4.02 -9.32
N THR A 195 9.07 -3.19 -9.94
CA THR A 195 8.84 -3.38 -11.36
C THR A 195 10.09 -3.00 -12.12
N GLY A 196 10.63 -3.93 -12.92
CA GLY A 196 11.83 -3.65 -13.68
C GLY A 196 13.10 -3.58 -12.86
N GLY A 197 13.04 -3.89 -11.57
CA GLY A 197 14.21 -3.93 -10.74
C GLY A 197 14.40 -2.61 -10.04
N PRO A 198 15.10 -2.65 -8.91
CA PRO A 198 15.18 -1.48 -8.04
C PRO A 198 15.98 -0.29 -8.58
N ALA A 199 16.78 -0.47 -9.63
CA ALA A 199 17.51 0.65 -10.22
C ALA A 199 16.67 1.48 -11.19
N ASN A 200 15.52 0.96 -11.63
N ASN A 200 15.50 0.98 -11.58
CA ASN A 200 14.71 1.61 -12.67
CA ASN A 200 14.69 1.57 -12.64
C ASN A 200 13.34 1.90 -12.08
C ASN A 200 13.32 1.88 -12.06
N THR A 201 12.98 3.16 -11.94
CA THR A 201 11.70 3.54 -11.37
C THR A 201 10.84 4.33 -12.36
N GLY A 202 11.09 4.16 -13.67
CA GLY A 202 10.26 4.71 -14.74
C GLY A 202 9.52 3.63 -15.52
N CYS A 203 9.10 2.57 -14.83
CA CYS A 203 8.45 1.42 -15.45
C CYS A 203 6.93 1.40 -15.35
N LEU A 204 6.31 2.38 -14.69
CA LEU A 204 4.87 2.38 -14.50
C LEU A 204 4.25 3.68 -14.99
N ASN A 205 4.69 4.09 -16.17
CA ASN A 205 4.40 5.37 -16.79
C ASN A 205 3.34 5.29 -17.87
N VAL A 206 3.41 4.25 -18.70
CA VAL A 206 2.40 4.03 -19.73
C VAL A 206 1.07 3.92 -19.02
N LEU A 207 0.03 4.47 -19.64
CA LEU A 207 -1.23 4.64 -18.94
C LEU A 207 -1.72 3.37 -18.23
N GLU A 208 -1.77 2.24 -18.95
CA GLU A 208 -2.27 1.02 -18.33
C GLU A 208 -1.40 0.62 -17.15
N ALA A 209 -0.08 0.79 -17.28
CA ALA A 209 0.83 0.47 -16.20
C ALA A 209 0.68 1.43 -15.03
N GLY A 210 0.52 2.75 -15.30
CA GLY A 210 0.26 3.68 -14.21
C GLY A 210 -1.06 3.39 -13.54
N GLY A 211 -2.01 2.88 -14.31
CA GLY A 211 -3.28 2.47 -13.75
C GLY A 211 -3.09 1.39 -12.72
N MET A 212 -2.38 0.30 -13.08
CA MET A 212 -2.04 -0.70 -12.07
C MET A 212 -1.29 -0.07 -10.91
N GLY A 213 -0.44 0.92 -11.22
CA GLY A 213 0.27 1.61 -10.15
C GLY A 213 -0.66 2.16 -9.09
N GLU A 214 -1.78 2.75 -9.52
CA GLU A 214 -2.79 3.18 -8.55
C GLU A 214 -3.48 2.00 -7.90
N GLY A 215 -3.84 0.98 -8.69
CA GLY A 215 -4.62 -0.12 -8.16
C GLY A 215 -3.88 -0.94 -7.12
N TRP A 216 -2.58 -1.16 -7.31
CA TRP A 216 -1.87 -1.91 -6.29
C TRP A 216 -2.00 -1.23 -4.93
N GLY A 217 -1.95 0.10 -4.91
CA GLY A 217 -1.99 0.79 -3.62
C GLY A 217 -3.35 0.67 -2.96
N ASP A 218 -4.41 0.87 -3.73
CA ASP A 218 -5.74 0.66 -3.17
C ASP A 218 -5.88 -0.77 -2.69
N PHE A 219 -5.43 -1.72 -3.49
CA PHE A 219 -5.59 -3.12 -3.13
C PHE A 219 -4.93 -3.41 -1.80
N MET A 220 -3.70 -2.95 -1.63
CA MET A 220 -2.96 -3.26 -0.41
C MET A 220 -3.67 -2.67 0.81
N ALA A 221 -4.30 -1.51 0.64
CA ALA A 221 -5.01 -0.92 1.77
C ALA A 221 -6.23 -1.75 2.12
N ILE A 222 -6.98 -2.16 1.11
CA ILE A 222 -8.17 -2.94 1.37
C ILE A 222 -7.80 -4.29 1.95
N ALA A 223 -6.74 -4.89 1.43
CA ALA A 223 -6.38 -6.22 1.90
C ALA A 223 -5.95 -6.15 3.36
N ILE A 224 -5.16 -5.14 3.71
CA ILE A 224 -4.67 -5.03 5.08
C ILE A 224 -5.83 -4.91 6.04
N HIS A 225 -6.87 -4.20 5.65
CA HIS A 225 -7.96 -3.89 6.57
C HIS A 225 -9.13 -4.88 6.46
N LEU A 226 -8.96 -5.94 5.66
CA LEU A 226 -9.97 -7.00 5.60
C LEU A 226 -10.13 -7.60 6.98
N LYS A 227 -11.37 -7.83 7.38
CA LYS A 227 -11.69 -8.32 8.72
C LYS A 227 -12.18 -9.75 8.66
N LYS A 228 -11.83 -10.53 9.71
CA LYS A 228 -12.25 -11.93 9.76
C LYS A 228 -13.75 -12.10 9.66
N ALA A 229 -14.53 -11.17 10.16
CA ALA A 229 -15.98 -11.33 10.07
C ALA A 229 -16.52 -11.05 8.67
N ASP A 230 -15.74 -10.40 7.81
CA ASP A 230 -16.19 -10.14 6.44
C ASP A 230 -16.44 -11.43 5.67
N THR A 231 -17.36 -11.36 4.72
CA THR A 231 -17.48 -12.33 3.67
C THR A 231 -17.20 -11.63 2.34
N ARG A 232 -17.26 -12.39 1.26
CA ARG A 232 -17.00 -11.83 -0.04
C ARG A 232 -18.10 -10.85 -0.48
N ALA A 233 -19.25 -10.86 0.20
CA ALA A 233 -20.31 -9.88 -0.07
C ALA A 233 -19.97 -8.49 0.45
N LYS A 234 -19.01 -8.39 1.35
CA LYS A 234 -18.59 -7.09 1.86
C LYS A 234 -18.00 -6.24 0.74
N ASN A 235 -18.37 -4.96 0.72
CA ASN A 235 -17.79 -3.97 -0.19
C ASN A 235 -16.98 -2.95 0.61
N TYR A 236 -15.93 -2.43 -0.01
CA TYR A 236 -15.10 -1.43 0.63
C TYR A 236 -14.92 -0.23 -0.28
N PRO A 237 -15.11 0.99 0.24
CA PRO A 237 -14.67 2.20 -0.46
C PRO A 237 -13.19 2.47 -0.23
N MET A 238 -12.69 3.47 -0.92
CA MET A 238 -11.34 3.99 -0.74
C MET A 238 -11.42 5.42 -0.21
N GLY A 239 -10.79 5.65 0.94
CA GLY A 239 -10.73 6.99 1.48
C GLY A 239 -12.05 7.60 1.92
N ASP A 240 -13.01 6.80 2.40
CA ASP A 240 -14.30 7.40 2.74
C ASP A 240 -14.17 8.40 3.90
N TRP A 241 -13.21 8.20 4.80
CA TRP A 241 -13.10 9.15 5.92
C TRP A 241 -12.42 10.44 5.47
N ILE A 242 -11.25 10.33 4.86
CA ILE A 242 -10.47 11.52 4.50
C ILE A 242 -11.26 12.38 3.53
N ALA A 243 -11.99 11.75 2.60
CA ALA A 243 -12.83 12.49 1.67
C ALA A 243 -14.21 12.82 2.23
N ASN A 244 -14.55 12.35 3.43
CA ASN A 244 -15.85 12.66 4.02
C ASN A 244 -16.98 12.29 3.06
N ASP A 245 -16.84 11.14 2.44
CA ASP A 245 -17.81 10.64 1.45
C ASP A 245 -17.93 9.13 1.61
N PRO A 246 -19.11 8.64 2.02
CA PRO A 246 -19.22 7.21 2.28
C PRO A 246 -18.89 6.35 1.08
N LYS A 247 -19.03 6.85 -0.15
CA LYS A 247 -18.65 6.06 -1.32
C LYS A 247 -17.16 6.10 -1.62
N GLY A 248 -16.39 6.90 -0.90
CA GLY A 248 -14.97 6.95 -1.15
C GLY A 248 -14.67 7.84 -2.35
N ILE A 249 -13.46 7.67 -2.88
CA ILE A 249 -12.96 8.52 -3.96
C ILE A 249 -12.98 7.83 -5.33
N ARG A 250 -13.30 6.55 -5.38
CA ARG A 250 -13.35 5.85 -6.66
C ARG A 250 -14.79 5.76 -7.15
N ASN A 251 -14.95 5.45 -8.45
CA ASN A 251 -16.25 5.48 -9.13
C ASN A 251 -17.19 4.40 -8.65
N TYR A 252 -16.64 3.32 -8.14
CA TYR A 252 -17.41 2.20 -7.62
C TYR A 252 -16.67 1.63 -6.43
N LEU A 253 -17.44 1.00 -5.54
CA LEU A 253 -16.87 0.26 -4.42
C LEU A 253 -16.10 -0.95 -4.90
N TYR A 254 -15.09 -1.32 -4.14
CA TYR A 254 -14.42 -2.59 -4.35
C TYR A 254 -15.39 -3.68 -3.91
N SER A 255 -15.70 -4.59 -4.82
CA SER A 255 -16.81 -5.51 -4.62
C SER A 255 -16.60 -6.71 -5.54
N THR A 256 -17.09 -7.86 -5.09
CA THR A 256 -17.13 -9.05 -5.92
C THR A 256 -18.45 -9.19 -6.66
N SER A 257 -19.32 -8.19 -6.57
CA SER A 257 -20.54 -8.17 -7.37
C SER A 257 -20.28 -7.38 -8.65
N LEU A 258 -20.59 -7.98 -9.79
CA LEU A 258 -20.48 -7.29 -11.06
C LEU A 258 -21.56 -6.22 -11.24
N THR A 259 -22.59 -6.22 -10.39
CA THR A 259 -23.59 -5.17 -10.46
C THR A 259 -23.13 -3.94 -9.68
N THR A 260 -22.65 -4.17 -8.46
CA THR A 260 -22.10 -3.11 -7.62
C THR A 260 -20.93 -2.43 -8.29
N ASN A 261 -20.02 -3.22 -8.85
CA ASN A 261 -18.82 -2.74 -9.53
C ASN A 261 -18.75 -3.48 -10.86
N PRO A 262 -19.12 -2.84 -11.96
CA PRO A 262 -19.19 -3.55 -13.25
C PRO A 262 -17.89 -3.60 -14.04
N TYR A 263 -16.77 -3.14 -13.49
CA TYR A 263 -15.57 -2.97 -14.30
C TYR A 263 -14.98 -4.33 -14.70
N THR A 264 -14.62 -4.44 -15.98
CA THR A 264 -13.87 -5.56 -16.55
C THR A 264 -12.71 -5.01 -17.37
N TYR A 265 -11.89 -5.89 -17.93
CA TYR A 265 -10.74 -5.42 -18.70
C TYR A 265 -11.19 -4.54 -19.87
N LYS A 266 -12.33 -4.86 -20.50
CA LYS A 266 -12.80 -4.07 -21.61
C LYS A 266 -13.12 -2.65 -21.20
N SER A 267 -13.45 -2.43 -19.93
CA SER A 267 -13.73 -1.08 -19.45
C SER A 267 -12.55 -0.15 -19.75
N VAL A 268 -11.33 -0.69 -19.73
CA VAL A 268 -10.16 0.17 -19.88
C VAL A 268 -10.12 0.81 -21.25
N ASN A 269 -10.79 0.20 -22.22
CA ASN A 269 -10.85 0.80 -23.56
C ASN A 269 -11.52 2.16 -23.59
N THR A 270 -12.34 2.49 -22.60
CA THR A 270 -12.97 3.80 -22.54
C THR A 270 -12.52 4.58 -21.29
N MET A 271 -11.29 4.31 -20.84
CA MET A 271 -10.67 5.01 -19.73
C MET A 271 -9.45 5.80 -20.20
N SER A 272 -9.16 6.90 -19.50
CA SER A 272 -8.08 7.79 -19.92
C SER A 272 -7.30 8.32 -18.73
N ALA A 273 -7.45 7.72 -17.56
CA ALA A 273 -6.87 8.25 -16.34
C ALA A 273 -6.40 7.09 -15.49
N VAL A 274 -5.26 7.26 -14.82
CA VAL A 274 -4.71 6.15 -14.05
C VAL A 274 -5.63 5.77 -12.90
N HIS A 275 -6.46 6.70 -12.40
CA HIS A 275 -7.18 6.33 -11.18
C HIS A 275 -8.39 5.46 -11.47
N THR A 276 -9.05 5.67 -12.62
CA THR A 276 -10.12 4.78 -13.01
C THR A 276 -9.56 3.43 -13.42
N ILE A 277 -8.47 3.43 -14.19
CA ILE A 277 -7.85 2.16 -14.59
C ILE A 277 -7.39 1.40 -13.37
N GLY A 278 -6.84 2.11 -12.37
CA GLY A 278 -6.43 1.47 -11.13
C GLY A 278 -7.57 0.85 -10.36
N THR A 279 -8.76 1.48 -10.43
CA THR A 279 -9.94 0.88 -9.81
C THR A 279 -10.27 -0.44 -10.48
N VAL A 280 -10.09 -0.56 -11.79
CA VAL A 280 -10.33 -1.83 -12.44
C VAL A 280 -9.39 -2.89 -11.89
N TRP A 281 -8.11 -2.53 -11.80
CA TRP A 281 -7.10 -3.51 -11.41
C TRP A 281 -7.29 -3.92 -9.95
N ALA A 282 -7.58 -2.95 -9.07
CA ALA A 282 -7.78 -3.32 -7.67
C ALA A 282 -9.03 -4.16 -7.49
N THR A 283 -10.01 -3.98 -8.38
CA THR A 283 -11.22 -4.78 -8.28
C THR A 283 -10.94 -6.22 -8.69
N ILE A 284 -10.13 -6.41 -9.75
CA ILE A 284 -9.68 -7.74 -10.13
C ILE A 284 -8.93 -8.40 -8.98
N LEU A 285 -8.02 -7.65 -8.34
CA LEU A 285 -7.28 -8.22 -7.21
C LEU A 285 -8.19 -8.50 -6.02
N TYR A 286 -9.26 -7.71 -5.84
CA TYR A 286 -10.21 -8.01 -4.77
C TYR A 286 -10.85 -9.36 -4.99
N GLU A 287 -11.13 -9.70 -6.25
CA GLU A 287 -11.70 -11.00 -6.57
C GLU A 287 -10.73 -12.12 -6.24
N VAL A 288 -9.46 -11.94 -6.63
CA VAL A 288 -8.42 -12.89 -6.28
C VAL A 288 -8.35 -13.06 -4.77
N LEU A 289 -8.27 -11.93 -4.06
CA LEU A 289 -8.19 -11.95 -2.60
C LEU A 289 -9.28 -12.82 -1.99
N TRP A 290 -10.53 -12.60 -2.39
CA TRP A 290 -11.60 -13.36 -1.76
C TRP A 290 -11.55 -14.85 -2.12
N ASN A 291 -11.09 -15.18 -3.33
CA ASN A 291 -10.96 -16.58 -3.65
C ASN A 291 -9.93 -17.23 -2.75
N LEU A 292 -8.84 -16.52 -2.47
CA LEU A 292 -7.75 -17.10 -1.73
C LEU A 292 -7.98 -17.02 -0.23
N VAL A 293 -8.73 -16.00 0.25
CA VAL A 293 -9.11 -15.98 1.65
C VAL A 293 -10.09 -17.11 1.95
N GLU A 294 -11.02 -17.38 1.02
CA GLU A 294 -11.92 -18.50 1.23
C GLU A 294 -11.17 -19.82 1.23
N LYS A 295 -10.16 -19.95 0.37
CA LYS A 295 -9.45 -21.22 0.29
C LYS A 295 -8.51 -21.40 1.49
N HIS A 296 -7.87 -20.32 1.92
CA HIS A 296 -6.77 -20.46 2.87
C HIS A 296 -7.02 -19.79 4.20
N GLY A 297 -8.12 -19.07 4.35
CA GLY A 297 -8.43 -18.39 5.58
C GLY A 297 -8.08 -16.90 5.53
N ASN A 298 -8.78 -16.15 6.38
CA ASN A 298 -8.53 -14.74 6.55
C ASN A 298 -7.57 -14.55 7.71
N SER A 299 -7.13 -13.32 7.94
CA SER A 299 -6.41 -13.07 9.18
C SER A 299 -6.43 -11.60 9.51
N GLU A 300 -6.30 -11.31 10.80
CA GLU A 300 -6.09 -9.97 11.27
C GLU A 300 -4.73 -9.80 11.93
N ALA A 301 -3.81 -10.74 11.71
CA ALA A 301 -2.46 -10.64 12.21
C ALA A 301 -1.71 -9.50 11.53
N ARG A 302 -0.73 -8.96 12.24
CA ARG A 302 0.11 -7.90 11.70
C ARG A 302 1.22 -8.44 10.83
N GLN A 303 1.80 -9.56 11.22
CA GLN A 303 2.86 -10.24 10.52
C GLN A 303 2.35 -11.54 9.96
N PRO A 304 2.83 -11.96 8.78
CA PRO A 304 2.46 -13.28 8.26
C PRO A 304 3.12 -14.42 9.02
N THR A 305 2.52 -15.60 8.87
CA THR A 305 3.05 -16.85 9.36
C THR A 305 3.27 -17.75 8.15
N PHE A 306 4.31 -18.59 8.21
CA PHE A 306 4.80 -19.30 7.04
C PHE A 306 4.83 -20.80 7.29
N ASN A 307 4.37 -21.55 6.27
CA ASN A 307 4.64 -22.98 6.14
C ASN A 307 5.74 -23.05 5.09
N GLY A 308 6.98 -23.23 5.53
CA GLY A 308 8.10 -23.07 4.63
C GLY A 308 8.19 -21.61 4.21
N LYS A 309 8.12 -21.36 2.89
CA LYS A 309 8.12 -20.01 2.37
C LYS A 309 6.72 -19.49 2.07
N VAL A 310 5.68 -20.26 2.32
CA VAL A 310 4.32 -19.95 1.88
C VAL A 310 3.54 -19.40 3.06
N PRO A 311 2.94 -18.21 2.95
CA PRO A 311 2.12 -17.71 4.07
C PRO A 311 0.94 -18.64 4.36
N THR A 312 0.60 -18.77 5.64
CA THR A 312 -0.42 -19.73 6.07
C THR A 312 -1.83 -19.31 5.66
N ASP A 313 -2.14 -18.02 5.63
CA ASP A 313 -3.49 -17.59 5.31
C ASP A 313 -3.60 -16.88 3.97
N GLY A 314 -4.85 -16.76 3.52
CA GLY A 314 -5.08 -16.26 2.19
C GLY A 314 -4.84 -14.77 2.02
N LYS A 315 -4.93 -13.99 3.09
CA LYS A 315 -4.66 -12.54 2.97
C LYS A 315 -3.19 -12.30 2.66
N PHE A 316 -2.30 -12.85 3.46
CA PHE A 316 -0.87 -12.67 3.22
C PHE A 316 -0.41 -13.46 2.01
N LEU A 317 -1.08 -14.56 1.70
CA LEU A 317 -0.75 -15.26 0.46
C LEU A 317 -1.03 -14.37 -0.74
N THR A 318 -2.20 -13.74 -0.79
CA THR A 318 -2.50 -12.84 -1.89
C THR A 318 -1.47 -11.72 -1.97
N MET A 319 -1.17 -11.09 -0.84
CA MET A 319 -0.24 -9.97 -0.85
C MET A 319 1.15 -10.44 -1.27
N LYS A 320 1.55 -11.63 -0.85
CA LYS A 320 2.85 -12.14 -1.28
C LYS A 320 2.86 -12.35 -2.78
N LEU A 321 1.80 -12.94 -3.31
CA LEU A 321 1.75 -13.23 -4.73
C LEU A 321 1.72 -11.93 -5.53
N VAL A 322 1.05 -10.92 -5.02
CA VAL A 322 1.02 -9.64 -5.73
C VAL A 322 2.42 -9.02 -5.75
N LEU A 323 3.14 -9.05 -4.63
CA LEU A 323 4.47 -8.48 -4.57
C LEU A 323 5.45 -9.28 -5.41
N ASP A 324 5.38 -10.61 -5.31
CA ASP A 324 6.25 -11.45 -6.12
C ASP A 324 5.99 -11.20 -7.61
N GLY A 325 4.74 -11.01 -7.98
CA GLY A 325 4.42 -10.66 -9.37
C GLY A 325 5.04 -9.36 -9.84
N MET A 326 5.05 -8.35 -8.98
CA MET A 326 5.70 -7.10 -9.35
C MET A 326 7.16 -7.33 -9.73
N ALA A 327 7.84 -8.22 -9.01
CA ALA A 327 9.25 -8.47 -9.31
C ALA A 327 9.45 -9.41 -10.52
N LEU A 328 8.40 -10.01 -11.05
CA LEU A 328 8.52 -10.84 -12.25
C LEU A 328 8.07 -10.15 -13.51
N GLN A 329 7.16 -9.18 -13.41
CA GLN A 329 6.56 -8.62 -14.61
C GLN A 329 7.53 -7.74 -15.36
N PRO A 330 7.33 -7.56 -16.66
CA PRO A 330 8.18 -6.65 -17.43
C PRO A 330 7.90 -5.21 -17.04
N CYS A 331 8.87 -4.37 -17.39
CA CYS A 331 8.67 -2.93 -17.39
C CYS A 331 7.49 -2.58 -18.29
N SER A 332 6.76 -1.53 -17.91
CA SER A 332 5.55 -1.10 -18.61
C SER A 332 4.58 -2.28 -18.83
N PRO A 333 4.21 -2.99 -17.77
CA PRO A 333 3.35 -4.15 -17.93
C PRO A 333 1.93 -3.77 -18.33
N THR A 334 1.33 -4.63 -19.14
CA THR A 334 -0.12 -4.67 -19.33
C THR A 334 -0.77 -5.47 -18.19
N PHE A 335 -2.09 -5.29 -18.03
CA PHE A 335 -2.86 -6.15 -17.13
C PHE A 335 -2.60 -7.64 -17.36
N VAL A 336 -2.51 -8.03 -18.64
CA VAL A 336 -2.30 -9.44 -18.97
C VAL A 336 -0.94 -9.91 -18.46
N GLN A 337 0.09 -9.11 -18.63
CA GLN A 337 1.41 -9.54 -18.15
C GLN A 337 1.48 -9.50 -16.64
N ALA A 338 0.74 -8.60 -16.02
CA ALA A 338 0.70 -8.55 -14.55
C ALA A 338 -0.02 -9.75 -14.01
N ARG A 339 -1.10 -10.16 -14.69
CA ARG A 339 -1.78 -11.40 -14.34
C ARG A 339 -0.82 -12.58 -14.44
N ASP A 340 -0.15 -12.69 -15.57
CA ASP A 340 0.78 -13.80 -15.77
C ASP A 340 1.92 -13.77 -14.77
N ALA A 341 2.36 -12.59 -14.33
CA ALA A 341 3.40 -12.55 -13.29
C ALA A 341 2.87 -13.08 -11.96
N ILE A 342 1.61 -12.82 -11.62
CA ILE A 342 1.03 -13.33 -10.38
C ILE A 342 0.89 -14.84 -10.44
N ILE A 343 0.41 -15.36 -11.57
CA ILE A 343 0.25 -16.79 -11.73
C ILE A 343 1.60 -17.48 -11.70
N ASP A 344 2.59 -16.89 -12.38
CA ASP A 344 3.97 -17.40 -12.34
C ASP A 344 4.55 -17.31 -10.93
N ALA A 345 4.22 -16.26 -10.19
CA ALA A 345 4.65 -16.17 -8.79
C ALA A 345 4.09 -17.33 -7.98
N ASP A 346 2.83 -17.70 -8.20
CA ASP A 346 2.27 -18.86 -7.50
C ASP A 346 2.91 -20.16 -7.97
N LYS A 347 3.23 -20.28 -9.26
CA LYS A 347 3.95 -21.48 -9.68
C LYS A 347 5.24 -21.63 -8.90
N ALA A 348 6.00 -20.53 -8.79
CA ALA A 348 7.27 -20.59 -8.08
C ALA A 348 7.07 -20.80 -6.58
N LEU A 349 6.02 -20.24 -6.00
CA LEU A 349 5.90 -20.26 -4.55
C LEU A 349 5.24 -21.52 -4.04
N THR A 350 4.16 -21.96 -4.67
CA THR A 350 3.41 -23.11 -4.19
C THR A 350 3.38 -24.25 -5.18
N GLY A 351 4.14 -24.16 -6.27
CA GLY A 351 4.06 -25.15 -7.35
C GLY A 351 2.80 -25.04 -8.17
N GLY A 352 2.11 -23.91 -8.10
CA GLY A 352 0.94 -23.67 -8.92
C GLY A 352 -0.33 -24.15 -8.30
N SER A 353 -0.34 -24.38 -6.99
CA SER A 353 -1.49 -24.98 -6.35
C SER A 353 -2.71 -24.06 -6.31
N ASN A 354 -2.55 -22.76 -6.56
CA ASN A 354 -3.66 -21.82 -6.55
C ASN A 354 -4.08 -21.39 -7.95
N ALA A 355 -3.61 -22.10 -8.98
CA ALA A 355 -3.92 -21.72 -10.36
C ALA A 355 -5.42 -21.59 -10.61
N CYS A 356 -6.22 -22.54 -10.09
CA CYS A 356 -7.66 -22.51 -10.31
C CYS A 356 -8.27 -21.24 -9.72
N GLU A 357 -7.97 -20.97 -8.46
CA GLU A 357 -8.52 -19.82 -7.75
C GLU A 357 -8.08 -18.51 -8.39
N LEU A 358 -6.84 -18.46 -8.89
CA LEU A 358 -6.36 -17.28 -9.59
C LEU A 358 -7.12 -17.09 -10.90
N TRP A 359 -7.11 -18.11 -11.75
CA TRP A 359 -7.76 -17.97 -13.06
C TRP A 359 -9.25 -17.64 -12.95
N LYS A 360 -9.96 -18.27 -11.99
CA LYS A 360 -11.38 -17.95 -11.82
C LYS A 360 -11.60 -16.47 -11.58
N ALA A 361 -10.76 -15.87 -10.73
CA ALA A 361 -10.88 -14.45 -10.41
C ALA A 361 -10.55 -13.59 -11.62
N PHE A 362 -9.45 -13.91 -12.30
CA PHE A 362 -9.03 -13.12 -13.44
C PHE A 362 -10.05 -13.21 -14.57
N ALA A 363 -10.59 -14.40 -14.78
CA ALA A 363 -11.53 -14.59 -15.88
C ALA A 363 -12.84 -13.89 -15.58
N LYS A 364 -13.18 -13.79 -14.31
CA LYS A 364 -14.48 -13.25 -13.92
C LYS A 364 -14.65 -11.82 -14.42
N ARG A 365 -13.57 -11.07 -14.45
CA ARG A 365 -13.63 -9.67 -14.85
C ARG A 365 -12.88 -9.41 -16.15
N GLY A 366 -12.87 -10.40 -17.04
CA GLY A 366 -12.44 -10.16 -18.38
C GLY A 366 -10.97 -10.41 -18.66
N LEU A 367 -10.22 -10.93 -17.69
CA LEU A 367 -8.81 -11.26 -17.89
C LEU A 367 -8.59 -12.76 -17.95
N GLY A 368 -9.47 -13.44 -18.67
CA GLY A 368 -9.38 -14.87 -18.83
C GLY A 368 -8.40 -15.23 -19.92
N GLU A 369 -8.46 -16.49 -20.31
CA GLU A 369 -7.38 -17.08 -21.08
C GLU A 369 -7.19 -16.34 -22.40
N GLY A 370 -8.28 -15.96 -23.06
CA GLY A 370 -8.14 -15.31 -24.34
C GLY A 370 -7.88 -13.83 -24.32
N ALA A 371 -7.69 -13.23 -23.15
CA ALA A 371 -7.57 -11.77 -23.03
C ALA A 371 -6.30 -11.26 -23.71
N SER A 372 -6.40 -10.07 -24.30
CA SER A 372 -5.31 -9.49 -25.06
C SER A 372 -5.31 -7.98 -24.93
N ARG A 373 -4.13 -7.41 -24.72
CA ARG A 373 -4.01 -5.96 -24.71
C ARG A 373 -4.35 -5.36 -26.07
N GLY A 374 -4.09 -6.08 -27.15
CA GLY A 374 -4.27 -5.52 -28.47
C GLY A 374 -3.30 -4.38 -28.68
N SER A 375 -3.63 -3.55 -29.68
CA SER A 375 -2.86 -2.36 -29.99
C SER A 375 -3.75 -1.12 -29.96
N GLY A 376 -3.19 -0.02 -29.45
CA GLY A 376 -3.89 1.25 -29.42
C GLY A 376 -4.69 1.42 -28.16
N SER A 377 -5.33 2.58 -28.05
CA SER A 377 -6.00 2.91 -26.81
C SER A 377 -7.29 2.14 -26.61
N THR A 378 -7.84 1.51 -27.64
CA THR A 378 -9.12 0.82 -27.52
C THR A 378 -9.07 -0.59 -28.05
N GLY A 379 -7.88 -1.21 -28.11
CA GLY A 379 -7.69 -2.50 -28.74
C GLY A 379 -7.88 -3.72 -27.86
N ARG A 380 -8.32 -3.59 -26.62
CA ARG A 380 -8.31 -4.73 -25.71
C ARG A 380 -9.46 -5.68 -26.02
N LYS A 381 -9.15 -6.97 -25.99
CA LYS A 381 -10.17 -8.02 -26.07
C LYS A 381 -10.20 -8.72 -24.73
N GLU A 382 -11.36 -8.68 -24.08
CA GLU A 382 -11.45 -9.34 -22.78
C GLU A 382 -11.92 -10.76 -23.00
N SER A 383 -11.87 -11.54 -21.93
CA SER A 383 -12.18 -12.97 -22.01
C SER A 383 -12.60 -13.44 -20.63
N THR A 384 -13.60 -14.31 -20.59
CA THR A 384 -14.02 -14.95 -19.36
C THR A 384 -13.66 -16.42 -19.32
N THR A 385 -12.79 -16.87 -20.21
CA THR A 385 -12.47 -18.29 -20.28
C THR A 385 -11.35 -18.66 -19.31
N VAL A 386 -11.43 -19.87 -18.80
CA VAL A 386 -10.45 -20.43 -17.88
C VAL A 386 -9.71 -21.54 -18.62
N PRO A 387 -8.38 -21.56 -18.60
CA PRO A 387 -7.67 -22.62 -19.32
C PRO A 387 -8.16 -24.00 -18.92
N SER A 388 -8.18 -24.91 -19.88
CA SER A 388 -8.46 -26.30 -19.57
C SER A 388 -7.35 -26.87 -18.69
N GLY A 389 -7.72 -27.77 -17.80
CA GLY A 389 -6.77 -28.45 -16.95
C GLY A 389 -6.46 -27.79 -15.62
N VAL A 390 -6.83 -26.53 -15.40
CA VAL A 390 -6.45 -25.92 -14.12
C VAL A 390 -7.47 -26.19 -13.03
N CYS A 391 -8.75 -26.30 -13.37
CA CYS A 391 -9.78 -26.54 -12.36
C CYS A 391 -10.34 -27.94 -12.57
#